data_3K3P
#
_entry.id   3K3P
#
_cell.length_a   79.502
_cell.length_b   79.502
_cell.length_c   109.400
_cell.angle_alpha   90.000
_cell.angle_beta   90.000
_cell.angle_gamma   120.000
#
_symmetry.space_group_name_H-M   'P 32'
#
loop_
_entity.id
_entity.type
_entity.pdbx_description
1 polymer 'D-alanine--D-alanine ligase'
2 water water
#
_entity_poly.entity_id   1
_entity_poly.type   'polypeptide(L)'
_entity_poly.pdbx_seq_one_letter_code
;MGSSHHHHHHSSGLVPRGSHMASMTGGQQMGRGSMSKETLVLLYGGRSAERDVSVLSAESVMRAINYDNFLVKTYFITQA
GDFIKTQEFDSQPSETDKLMTNDTIIASQKIKPSDIYEEEAVVFPVLHGPMGEDGSIQGFLEVLKMPYVGTNILSSSVAM
DKITTNQVLESATTIPQVAYVALIEGEPLESKLAEVEEKLIYPVFVKPANMGSSVGISKAENRTDLKQAIALALKYDSRV
LIEQGVDAREIEVGILGNTDVKTTLPGEIVKDVAFYDYEAKYIDNKITMAIPAEIDPVIVEKMRDYAATAFRTLGCCGLS
RCDFFLTEDGKVYLNELNTMPGFTQWSMYPLLWENMGLSYSVLIEELVSLAKEMFDKRESHLV
;
_entity_poly.pdbx_strand_id   A,B
#
# COMPACT_ATOMS: atom_id res chain seq x y z
N LYS A 37 15.81 15.46 24.60
CA LYS A 37 14.39 15.57 25.11
C LYS A 37 13.34 14.77 24.29
N GLU A 38 13.66 14.39 23.06
CA GLU A 38 12.79 13.41 22.33
C GLU A 38 13.39 12.03 22.11
N THR A 39 12.57 10.97 22.29
CA THR A 39 12.98 9.60 21.84
C THR A 39 12.76 9.29 20.36
N LEU A 40 13.88 9.09 19.66
CA LEU A 40 13.90 8.56 18.32
C LEU A 40 14.18 7.05 18.33
N VAL A 41 13.33 6.25 17.68
CA VAL A 41 13.57 4.80 17.53
C VAL A 41 14.12 4.62 16.14
N LEU A 42 15.35 4.15 16.03
CA LEU A 42 16.00 4.09 14.73
C LEU A 42 16.07 2.60 14.35
N LEU A 43 15.20 2.17 13.43
CA LEU A 43 15.14 0.78 12.94
C LEU A 43 16.01 0.74 11.75
N TYR A 44 16.82 -0.27 11.68
CA TYR A 44 17.81 -0.41 10.64
C TYR A 44 18.01 -1.87 10.34
N GLY A 45 18.62 -2.13 9.20
CA GLY A 45 18.83 -3.49 8.78
C GLY A 45 17.81 -3.89 7.74
N GLY A 46 16.92 -4.81 8.14
CA GLY A 46 15.84 -5.29 7.26
C GLY A 46 16.12 -6.58 6.48
N ARG A 47 15.16 -6.99 5.65
CA ARG A 47 15.20 -8.30 5.05
C ARG A 47 15.55 -8.22 3.59
N SER A 48 15.42 -7.01 3.00
CA SER A 48 15.70 -6.73 1.56
C SER A 48 17.21 -6.90 1.15
N ALA A 49 17.48 -6.87 -0.16
CA ALA A 49 18.86 -6.93 -0.65
C ALA A 49 19.63 -5.66 -0.25
N GLU A 50 18.90 -4.59 0.12
CA GLU A 50 19.47 -3.23 0.36
C GLU A 50 19.83 -2.99 1.84
N ARG A 51 19.82 -4.10 2.60
CA ARG A 51 19.93 -4.14 4.04
C ARG A 51 21.33 -3.79 4.61
N ASP A 52 22.39 -4.01 3.83
CA ASP A 52 23.76 -3.65 4.27
C ASP A 52 23.98 -2.13 4.17
N VAL A 53 23.51 -1.54 3.05
CA VAL A 53 23.34 -0.05 2.87
C VAL A 53 22.48 0.59 3.99
N SER A 54 21.44 -0.13 4.44
CA SER A 54 20.58 0.40 5.51
C SER A 54 21.38 0.66 6.80
N VAL A 55 22.26 -0.30 7.16
CA VAL A 55 23.13 -0.19 8.34
C VAL A 55 24.05 1.04 8.19
N LEU A 56 24.62 1.22 6.99
CA LEU A 56 25.40 2.41 6.69
C LEU A 56 24.62 3.72 6.85
N SER A 57 23.44 3.84 6.26
CA SER A 57 22.57 5.04 6.50
C SER A 57 22.23 5.28 7.96
N ALA A 58 22.00 4.19 8.70
CA ALA A 58 21.57 4.32 10.08
C ALA A 58 22.72 4.79 10.97
N GLU A 59 23.92 4.32 10.62
CA GLU A 59 25.19 4.78 11.22
C GLU A 59 25.45 6.27 10.88
N SER A 60 25.21 6.67 9.63
CA SER A 60 25.39 8.08 9.30
C SER A 60 24.28 8.93 9.99
N VAL A 61 23.03 8.44 10.03
CA VAL A 61 21.96 9.18 10.72
C VAL A 61 22.28 9.34 12.20
N MET A 62 22.88 8.31 12.81
CA MET A 62 23.09 8.36 14.28
C MET A 62 24.28 9.27 14.68
N ARG A 63 25.24 9.43 13.79
CA ARG A 63 26.35 10.36 14.00
C ARG A 63 25.98 11.80 13.61
N ALA A 64 24.99 11.99 12.74
CA ALA A 64 24.56 13.34 12.30
C ALA A 64 23.49 13.93 13.20
N ILE A 65 22.80 13.11 13.97
CA ILE A 65 21.74 13.65 14.76
C ILE A 65 22.25 14.62 15.86
N ASN A 66 21.49 15.67 16.12
CA ASN A 66 21.78 16.48 17.31
C ASN A 66 21.20 15.82 18.57
N TYR A 67 22.07 15.32 19.42
CA TYR A 67 21.63 14.76 20.68
C TYR A 67 21.12 15.80 21.69
N ASP A 68 21.46 17.07 21.53
CA ASP A 68 20.76 18.08 22.35
C ASP A 68 19.27 17.80 22.37
N ASN A 69 18.76 17.31 21.23
CA ASN A 69 17.31 17.25 21.05
C ASN A 69 16.76 15.83 21.14
N PHE A 70 17.64 14.82 21.01
CA PHE A 70 17.17 13.42 20.99
C PHE A 70 17.94 12.46 21.90
N LEU A 71 17.20 11.55 22.55
CA LEU A 71 17.67 10.22 22.94
C LEU A 71 17.38 9.25 21.76
N VAL A 72 18.38 8.50 21.29
CA VAL A 72 18.23 7.59 20.14
C VAL A 72 18.27 6.12 20.58
N LYS A 73 17.17 5.38 20.44
CA LYS A 73 17.16 3.92 20.73
C LYS A 73 17.22 3.11 19.41
N THR A 74 18.23 2.29 19.20
CA THR A 74 18.37 1.58 17.96
C THR A 74 17.93 0.12 18.08
N TYR A 75 17.41 -0.43 16.97
CA TYR A 75 16.92 -1.79 16.88
C TYR A 75 17.30 -2.30 15.50
N PHE A 76 17.97 -3.45 15.51
CA PHE A 76 18.39 -4.10 14.25
C PHE A 76 17.30 -5.07 13.88
N ILE A 77 16.87 -5.02 12.63
CA ILE A 77 15.96 -6.06 12.13
C ILE A 77 16.87 -6.98 11.36
N THR A 78 16.89 -8.24 11.71
CA THR A 78 17.76 -9.16 11.03
C THR A 78 17.14 -9.60 9.68
N GLN A 79 17.95 -10.33 8.90
CA GLN A 79 17.65 -10.78 7.57
C GLN A 79 16.47 -11.76 7.60
N ALA A 80 16.31 -12.48 8.71
CA ALA A 80 15.16 -13.39 8.95
C ALA A 80 13.96 -12.67 9.60
N GLY A 81 14.10 -11.37 9.91
CA GLY A 81 12.97 -10.56 10.30
C GLY A 81 12.94 -10.39 11.80
N ASP A 82 13.97 -10.84 12.52
CA ASP A 82 13.91 -10.72 13.97
C ASP A 82 14.31 -9.34 14.39
N PHE A 83 13.78 -8.91 15.52
CA PHE A 83 14.07 -7.58 16.07
C PHE A 83 15.13 -7.69 17.19
N ILE A 84 16.26 -7.01 17.02
CA ILE A 84 17.29 -7.07 18.08
C ILE A 84 17.46 -5.69 18.73
N LYS A 85 17.30 -5.61 20.05
CA LYS A 85 17.67 -4.41 20.79
C LYS A 85 19.20 -4.25 20.85
N THR A 86 19.68 -3.11 20.34
CA THR A 86 21.09 -2.77 20.29
C THR A 86 21.22 -1.35 20.88
N GLN A 87 22.41 -0.76 20.83
CA GLN A 87 22.69 0.51 21.52
C GLN A 87 21.68 1.70 21.50
N GLU A 88 21.41 2.23 22.71
CA GLU A 88 20.81 3.52 22.97
C GLU A 88 21.91 4.53 23.09
N PHE A 89 21.76 5.69 22.46
CA PHE A 89 22.73 6.74 22.64
C PHE A 89 22.04 7.98 23.17
N ASP A 90 22.52 8.54 24.29
CA ASP A 90 22.15 9.89 24.75
C ASP A 90 23.15 10.96 24.30
N SER A 91 24.23 10.57 23.64
CA SER A 91 25.19 11.54 23.21
C SER A 91 25.90 11.07 21.93
N GLN A 92 26.58 11.96 21.22
CA GLN A 92 27.12 11.54 19.92
C GLN A 92 28.11 10.32 20.04
N PRO A 93 27.89 9.22 19.25
CA PRO A 93 28.88 8.12 19.10
C PRO A 93 30.03 8.48 18.14
N SER A 94 31.02 7.73 18.09
CA SER A 94 32.12 8.04 17.12
C SER A 94 32.90 6.80 16.68
N ASP A 97 32.21 2.81 17.33
CA ASP A 97 30.77 2.63 17.66
C ASP A 97 30.03 2.13 16.40
N LYS A 98 29.97 0.81 16.25
CA LYS A 98 29.37 0.16 15.06
C LYS A 98 27.94 -0.30 15.39
N LEU A 99 27.04 -0.21 14.39
CA LEU A 99 25.66 -0.79 14.55
C LEU A 99 25.75 -2.31 14.24
N MET A 100 24.74 -3.08 14.64
CA MET A 100 24.74 -4.54 14.45
C MET A 100 24.59 -4.93 12.99
N THR A 101 25.10 -6.08 12.66
CA THR A 101 25.04 -6.61 11.32
C THR A 101 24.60 -8.07 11.45
N ASN A 102 24.32 -8.72 10.34
CA ASN A 102 23.82 -10.09 10.39
C ASN A 102 24.89 -11.14 10.83
N ASP A 103 26.15 -10.70 10.85
CA ASP A 103 27.34 -11.47 11.29
C ASP A 103 27.53 -11.31 12.77
N THR A 104 26.94 -10.27 13.34
CA THR A 104 27.13 -9.93 14.74
C THR A 104 25.88 -9.89 15.66
N ILE A 105 24.87 -10.70 15.34
CA ILE A 105 23.65 -10.75 16.15
C ILE A 105 24.01 -11.23 17.57
N ILE A 106 23.41 -10.61 18.61
CA ILE A 106 23.48 -11.08 19.96
C ILE A 106 22.09 -11.59 20.35
N ALA A 107 21.95 -12.90 20.42
CA ALA A 107 20.66 -13.54 20.53
C ALA A 107 19.92 -13.17 21.78
N SER A 108 20.63 -12.92 22.88
CA SER A 108 19.94 -12.54 24.13
C SER A 108 19.33 -11.15 24.05
N GLN A 109 19.76 -10.38 23.04
CA GLN A 109 19.26 -9.02 22.83
C GLN A 109 18.01 -8.99 21.91
N LYS A 110 17.52 -10.18 21.49
CA LYS A 110 16.28 -10.24 20.74
C LYS A 110 15.06 -9.81 21.57
N ILE A 111 14.16 -9.03 20.97
CA ILE A 111 12.94 -8.59 21.64
C ILE A 111 11.71 -9.05 20.84
N LYS A 112 10.55 -8.98 21.49
CA LYS A 112 9.28 -9.00 20.83
C LYS A 112 9.17 -7.71 19.98
N PRO A 113 8.91 -7.88 18.66
CA PRO A 113 8.83 -6.74 17.75
C PRO A 113 7.97 -5.55 18.29
N SER A 114 6.88 -5.79 19.01
CA SER A 114 6.03 -4.64 19.46
C SER A 114 6.66 -3.90 20.62
N ASP A 115 7.71 -4.50 21.20
CA ASP A 115 8.45 -3.87 22.32
C ASP A 115 9.34 -2.77 21.88
N ILE A 116 9.41 -2.47 20.58
CA ILE A 116 9.96 -1.16 20.21
C ILE A 116 9.09 0.03 20.71
N TYR A 117 7.85 -0.27 21.06
CA TYR A 117 6.85 0.73 21.38
C TYR A 117 7.17 1.48 22.67
N GLU A 118 7.06 2.80 22.61
CA GLU A 118 7.20 3.73 23.73
C GLU A 118 6.33 4.92 23.41
N GLU A 119 5.51 5.35 24.34
CA GLU A 119 4.65 6.49 24.16
C GLU A 119 5.48 7.66 23.71
N GLU A 120 5.02 8.33 22.68
CA GLU A 120 5.62 9.55 22.18
C GLU A 120 6.98 9.44 21.51
N ALA A 121 7.48 8.25 21.27
CA ALA A 121 8.68 8.06 20.51
C ALA A 121 8.37 8.14 19.05
N VAL A 122 9.29 8.63 18.28
CA VAL A 122 9.09 8.73 16.84
C VAL A 122 10.05 7.74 16.12
N VAL A 123 9.52 6.89 15.25
CA VAL A 123 10.36 5.95 14.53
C VAL A 123 10.90 6.57 13.28
N PHE A 124 12.21 6.40 13.08
CA PHE A 124 12.91 6.64 11.86
C PHE A 124 13.32 5.27 11.27
N PRO A 125 12.52 4.76 10.30
CA PRO A 125 12.82 3.44 9.71
C PRO A 125 13.86 3.66 8.64
N VAL A 126 15.12 3.31 8.90
CA VAL A 126 16.15 3.48 7.91
C VAL A 126 16.28 2.16 7.18
N LEU A 127 15.26 1.87 6.38
CA LEU A 127 15.12 0.58 5.72
C LEU A 127 14.85 0.90 4.26
N HIS A 128 15.61 0.23 3.38
CA HIS A 128 15.56 0.46 1.92
C HIS A 128 15.08 -0.81 1.13
N GLY A 129 14.46 -0.60 -0.02
CA GLY A 129 13.84 -1.71 -0.80
C GLY A 129 12.67 -2.41 -0.10
N PRO A 130 12.35 -3.62 -0.53
CA PRO A 130 11.22 -4.37 0.05
C PRO A 130 11.20 -4.60 1.56
N MET A 131 10.09 -4.30 2.15
CA MET A 131 9.98 -4.36 3.58
C MET A 131 10.67 -3.25 4.35
N GLY A 132 11.10 -2.26 3.60
CA GLY A 132 11.49 -0.96 4.10
C GLY A 132 10.78 0.15 3.33
N GLU A 133 10.51 -0.11 2.06
CA GLU A 133 9.80 0.86 1.22
C GLU A 133 8.45 0.39 0.60
N ASP A 134 8.01 -0.80 0.87
CA ASP A 134 6.86 -1.28 0.21
C ASP A 134 5.60 -1.15 1.04
N GLY A 135 5.67 -0.36 2.11
CA GLY A 135 4.58 -0.09 3.03
C GLY A 135 4.33 -1.11 4.15
N SER A 136 5.16 -2.15 4.26
CA SER A 136 4.96 -3.14 5.31
C SER A 136 5.44 -2.64 6.68
N ILE A 137 6.61 -2.04 6.73
CA ILE A 137 7.03 -1.38 7.97
C ILE A 137 6.10 -0.21 8.40
N GLN A 138 5.58 0.53 7.44
CA GLN A 138 4.67 1.61 7.77
C GLN A 138 3.40 1.07 8.39
N GLY A 139 2.91 -0.05 7.87
CA GLY A 139 1.66 -0.65 8.35
C GLY A 139 1.85 -1.19 9.73
N PHE A 140 3.00 -1.80 9.97
CA PHE A 140 3.36 -2.36 11.25
C PHE A 140 3.36 -1.26 12.30
N LEU A 141 3.99 -0.14 11.99
CA LEU A 141 4.07 1.00 12.93
C LEU A 141 2.72 1.73 13.12
N GLU A 142 1.91 1.79 12.08
CA GLU A 142 0.54 2.28 12.23
C GLU A 142 -0.25 1.41 13.19
N VAL A 143 -0.08 0.11 13.07
CA VAL A 143 -0.79 -0.85 13.95
C VAL A 143 -0.30 -0.72 15.41
N LEU A 144 1.02 -0.61 15.59
CA LEU A 144 1.68 -0.20 16.88
C LEU A 144 1.39 1.23 17.34
N LYS A 145 0.77 2.07 16.50
CA LYS A 145 0.38 3.41 16.92
C LYS A 145 1.56 4.29 17.20
N MET A 146 2.53 4.26 16.29
CA MET A 146 3.69 5.12 16.49
C MET A 146 3.91 6.10 15.32
N PRO A 147 4.26 7.37 15.65
CA PRO A 147 4.67 8.27 14.57
C PRO A 147 5.91 7.74 13.85
N TYR A 148 6.00 7.95 12.54
CA TYR A 148 7.20 7.44 11.87
C TYR A 148 7.53 8.42 10.78
N VAL A 149 8.79 8.50 10.48
CA VAL A 149 9.31 9.32 9.46
C VAL A 149 8.97 8.67 8.08
N GLY A 150 8.47 9.47 7.17
CA GLY A 150 8.50 9.15 5.75
C GLY A 150 7.13 8.98 5.17
N THR A 151 7.03 8.42 4.01
CA THR A 151 5.69 8.38 3.39
C THR A 151 4.78 7.32 4.02
N ASN A 152 3.46 7.47 3.85
CA ASN A 152 2.48 6.52 4.34
C ASN A 152 2.39 5.20 3.57
N ILE A 153 1.37 4.40 3.88
CA ILE A 153 1.29 3.04 3.30
C ILE A 153 0.97 3.07 1.82
N LEU A 154 -0.09 3.77 1.43
CA LEU A 154 -0.41 3.92 -0.03
C LEU A 154 0.68 4.51 -0.89
N SER A 155 1.25 5.62 -0.46
CA SER A 155 2.23 6.23 -1.30
C SER A 155 3.56 5.43 -1.32
N SER A 156 3.89 4.70 -0.25
CA SER A 156 5.01 3.76 -0.27
C SER A 156 4.86 2.61 -1.26
N SER A 157 3.73 1.87 -1.22
CA SER A 157 3.54 0.73 -2.11
C SER A 157 3.41 1.18 -3.54
N VAL A 158 2.67 2.26 -3.78
CA VAL A 158 2.54 2.75 -5.11
C VAL A 158 3.93 3.15 -5.62
N ALA A 159 4.70 3.92 -4.83
CA ALA A 159 5.97 4.46 -5.28
C ALA A 159 6.95 3.33 -5.54
N MET A 160 6.80 2.24 -4.79
CA MET A 160 7.64 1.04 -4.96
C MET A 160 7.29 0.23 -6.21
N ASP A 161 6.02 0.33 -6.67
CA ASP A 161 5.50 -0.41 -7.83
C ASP A 161 5.54 0.55 -9.01
N LYS A 162 6.53 0.39 -9.83
CA LYS A 162 6.73 1.24 -10.96
C LYS A 162 5.54 1.14 -11.93
N ILE A 163 4.98 -0.02 -12.16
CA ILE A 163 3.77 -0.07 -13.07
C ILE A 163 2.64 0.86 -12.62
N THR A 164 2.34 0.84 -11.32
CA THR A 164 1.26 1.65 -10.76
C THR A 164 1.60 3.11 -10.77
N THR A 165 2.82 3.41 -10.29
CA THR A 165 3.35 4.79 -10.39
C THR A 165 3.24 5.41 -11.81
N ASN A 166 3.70 4.68 -12.83
CA ASN A 166 3.66 5.15 -14.21
C ASN A 166 2.23 5.37 -14.64
N GLN A 167 1.32 4.44 -14.31
CA GLN A 167 -0.09 4.57 -14.71
C GLN A 167 -0.75 5.76 -14.04
N VAL A 168 -0.45 5.99 -12.77
CA VAL A 168 -1.05 7.12 -12.01
C VAL A 168 -0.55 8.42 -12.61
N LEU A 169 0.78 8.49 -12.83
CA LEU A 169 1.40 9.72 -13.32
C LEU A 169 1.06 10.11 -14.75
N GLU A 170 1.04 9.14 -15.66
CA GLU A 170 0.54 9.34 -17.01
C GLU A 170 -0.96 9.71 -17.05
N SER A 171 -1.73 9.14 -16.15
CA SER A 171 -3.11 9.59 -15.98
C SER A 171 -3.31 10.98 -15.39
N ALA A 172 -2.75 11.22 -14.21
CA ALA A 172 -2.96 12.50 -13.53
C ALA A 172 -1.99 13.66 -13.83
N THR A 173 -0.89 13.38 -14.54
CA THR A 173 0.12 14.46 -14.72
C THR A 173 0.64 14.47 -16.13
N THR A 174 1.57 15.39 -16.42
CA THR A 174 2.31 15.39 -17.67
C THR A 174 3.76 15.00 -17.49
N ILE A 175 4.11 14.37 -16.37
CA ILE A 175 5.44 14.00 -16.13
C ILE A 175 5.80 12.82 -17.08
N PRO A 176 6.89 12.92 -17.90
CA PRO A 176 7.21 11.77 -18.76
C PRO A 176 7.89 10.67 -18.01
N GLN A 177 7.48 9.43 -18.28
CA GLN A 177 7.92 8.25 -17.55
C GLN A 177 8.91 7.58 -18.47
N VAL A 178 9.92 6.84 -17.96
CA VAL A 178 10.85 6.08 -18.84
C VAL A 178 9.93 5.05 -19.60
N ALA A 179 10.16 4.89 -20.91
CA ALA A 179 9.27 4.04 -21.74
C ALA A 179 9.27 2.64 -21.12
N TYR A 180 8.08 2.01 -21.06
CA TYR A 180 7.94 0.71 -20.42
C TYR A 180 6.71 -0.03 -21.01
N VAL A 181 6.65 -1.33 -20.75
CA VAL A 181 5.47 -2.11 -21.02
C VAL A 181 5.15 -2.91 -19.73
N ALA A 182 3.89 -3.00 -19.38
CA ALA A 182 3.44 -3.80 -18.25
C ALA A 182 2.92 -5.10 -18.76
N LEU A 183 3.17 -6.20 -18.05
CA LEU A 183 2.70 -7.53 -18.44
C LEU A 183 2.03 -8.14 -17.18
N ILE A 184 0.74 -8.50 -17.32
CA ILE A 184 -0.03 -9.24 -16.35
C ILE A 184 -0.11 -10.70 -16.87
N GLU A 185 0.35 -11.66 -16.08
CA GLU A 185 0.08 -13.06 -16.41
C GLU A 185 -1.42 -13.33 -16.83
N GLY A 186 -1.55 -14.00 -17.99
CA GLY A 186 -2.78 -14.08 -18.73
C GLY A 186 -2.72 -13.36 -20.07
N GLU A 187 -2.10 -12.18 -20.13
CA GLU A 187 -2.02 -11.45 -21.43
C GLU A 187 -1.32 -12.33 -22.48
N PRO A 188 -1.90 -12.39 -23.68
CA PRO A 188 -1.20 -13.17 -24.70
C PRO A 188 0.26 -12.70 -24.92
N LEU A 189 1.17 -13.66 -24.85
CA LEU A 189 2.59 -13.42 -24.96
C LEU A 189 3.08 -12.83 -26.26
N GLU A 190 2.62 -13.34 -27.41
CA GLU A 190 3.18 -12.91 -28.69
C GLU A 190 2.95 -11.42 -28.99
N SER A 191 1.77 -10.92 -28.68
CA SER A 191 1.50 -9.50 -28.86
C SER A 191 2.17 -8.64 -27.78
N LYS A 192 2.34 -9.15 -26.54
CA LYS A 192 3.19 -8.50 -25.51
C LYS A 192 4.56 -8.32 -26.01
N LEU A 193 5.12 -9.35 -26.61
CA LEU A 193 6.46 -9.27 -27.19
C LEU A 193 6.54 -8.20 -28.29
N ALA A 194 5.50 -8.11 -29.10
CA ALA A 194 5.45 -7.17 -30.21
C ALA A 194 5.27 -5.74 -29.71
N GLU A 195 4.44 -5.60 -28.68
CA GLU A 195 4.27 -4.35 -27.96
C GLU A 195 5.61 -3.93 -27.39
N VAL A 196 6.33 -4.83 -26.70
CA VAL A 196 7.69 -4.44 -26.29
C VAL A 196 8.57 -3.93 -27.46
N GLU A 197 8.63 -4.68 -28.56
CA GLU A 197 9.44 -4.25 -29.68
C GLU A 197 8.90 -2.97 -30.37
N GLU A 198 7.60 -2.74 -30.33
CA GLU A 198 7.04 -1.50 -30.91
C GLU A 198 7.43 -0.29 -30.03
N LYS A 199 7.21 -0.43 -28.73
CA LYS A 199 7.40 0.66 -27.82
C LYS A 199 8.83 0.94 -27.42
N LEU A 200 9.63 -0.10 -27.30
CA LEU A 200 10.98 0.01 -26.72
C LEU A 200 12.07 -0.37 -27.74
N ILE A 201 13.28 0.02 -27.43
CA ILE A 201 14.45 -0.33 -28.23
C ILE A 201 15.39 -1.19 -27.34
N TYR A 202 15.85 -2.35 -27.81
CA TYR A 202 16.83 -3.18 -27.08
C TYR A 202 18.11 -2.41 -26.80
N PRO A 203 18.76 -2.64 -25.62
CA PRO A 203 18.31 -3.56 -24.56
C PRO A 203 17.13 -3.06 -23.66
N VAL A 204 16.39 -4.02 -23.14
CA VAL A 204 15.38 -3.74 -22.18
C VAL A 204 15.69 -4.59 -20.95
N PHE A 205 15.07 -4.22 -19.82
CA PHE A 205 15.23 -4.91 -18.55
C PHE A 205 13.88 -5.45 -18.09
N VAL A 206 13.84 -6.69 -17.69
CA VAL A 206 12.64 -7.33 -17.22
C VAL A 206 12.72 -7.54 -15.71
N LYS A 207 11.72 -7.12 -14.95
CA LYS A 207 11.72 -7.30 -13.48
C LYS A 207 10.33 -7.86 -13.10
N PRO A 208 10.25 -8.86 -12.22
CA PRO A 208 8.90 -9.08 -11.65
C PRO A 208 8.53 -7.82 -10.84
N ALA A 209 7.26 -7.47 -10.74
CA ALA A 209 6.85 -6.30 -9.94
C ALA A 209 7.19 -6.34 -8.42
N ASN A 210 6.99 -7.47 -7.71
CA ASN A 210 7.34 -7.56 -6.25
C ASN A 210 7.52 -9.06 -5.84
N ILE A 217 16.37 -9.25 -11.77
CA ILE A 217 16.22 -8.38 -12.97
C ILE A 217 17.00 -9.00 -14.15
N SER A 218 16.50 -9.27 -15.24
CA SER A 218 17.21 -9.74 -16.43
C SER A 218 17.30 -8.69 -17.57
N LYS A 219 18.45 -8.64 -18.19
CA LYS A 219 18.63 -7.87 -19.39
C LYS A 219 18.39 -8.71 -20.61
N ALA A 220 17.73 -8.05 -21.58
CA ALA A 220 17.45 -8.61 -22.91
C ALA A 220 17.94 -7.72 -24.02
N GLU A 221 18.72 -8.30 -24.93
CA GLU A 221 19.22 -7.63 -26.15
C GLU A 221 18.50 -8.03 -27.41
N ASN A 222 17.59 -8.96 -27.30
CA ASN A 222 16.92 -9.53 -28.48
C ASN A 222 15.68 -10.20 -28.01
N ARG A 223 14.79 -10.55 -28.92
CA ARG A 223 13.51 -11.22 -28.54
C ARG A 223 13.64 -12.55 -27.75
N THR A 224 14.62 -13.37 -28.10
CA THR A 224 14.94 -14.62 -27.33
C THR A 224 15.34 -14.38 -25.85
N ASP A 225 16.25 -13.46 -25.62
CA ASP A 225 16.56 -13.02 -24.26
C ASP A 225 15.35 -12.51 -23.57
N LEU A 226 14.51 -11.77 -24.28
CA LEU A 226 13.27 -11.22 -23.71
C LEU A 226 12.32 -12.29 -23.23
N LYS A 227 12.05 -13.25 -24.10
CA LYS A 227 11.18 -14.36 -23.76
C LYS A 227 11.73 -15.10 -22.54
N GLN A 228 13.03 -15.37 -22.56
CA GLN A 228 13.68 -16.06 -21.46
C GLN A 228 13.68 -15.25 -20.16
N ALA A 229 13.90 -13.94 -20.25
CA ALA A 229 13.76 -13.10 -19.06
C ALA A 229 12.33 -13.05 -18.45
N ILE A 230 11.32 -12.96 -19.33
CA ILE A 230 9.90 -12.93 -18.90
C ILE A 230 9.50 -14.22 -18.24
N ALA A 231 9.90 -15.36 -18.81
CA ALA A 231 9.55 -16.66 -18.27
C ALA A 231 10.04 -16.79 -16.85
N LEU A 232 11.25 -16.37 -16.54
CA LEU A 232 11.69 -16.50 -15.12
C LEU A 232 10.94 -15.49 -14.29
N ALA A 233 10.69 -14.26 -14.81
CA ALA A 233 10.07 -13.21 -13.99
C ALA A 233 8.64 -13.57 -13.59
N LEU A 234 7.92 -14.29 -14.46
CA LEU A 234 6.59 -14.83 -14.10
C LEU A 234 6.59 -15.87 -13.02
N LYS A 235 7.72 -16.55 -12.82
CA LYS A 235 7.81 -17.47 -11.70
C LYS A 235 7.85 -16.68 -10.40
N TYR A 236 8.22 -15.41 -10.49
CA TYR A 236 8.35 -14.52 -9.30
C TYR A 236 7.09 -13.79 -8.96
N ASP A 237 6.42 -13.26 -9.99
CA ASP A 237 5.25 -12.45 -9.78
C ASP A 237 4.38 -12.53 -10.98
N SER A 238 3.06 -12.42 -10.79
CA SER A 238 2.16 -12.42 -11.96
C SER A 238 2.18 -11.06 -12.75
N ARG A 239 2.79 -10.04 -12.16
CA ARG A 239 2.96 -8.76 -12.81
C ARG A 239 4.44 -8.46 -13.09
N VAL A 240 4.71 -8.13 -14.33
CA VAL A 240 6.06 -7.97 -14.83
C VAL A 240 6.23 -6.66 -15.58
N LEU A 241 7.34 -5.97 -15.31
CA LEU A 241 7.67 -4.74 -15.97
C LEU A 241 8.74 -4.98 -16.99
N ILE A 242 8.56 -4.44 -18.19
CA ILE A 242 9.69 -4.40 -19.16
C ILE A 242 9.99 -2.94 -19.40
N GLU A 243 11.23 -2.55 -19.15
CA GLU A 243 11.62 -1.19 -19.12
C GLU A 243 12.74 -0.95 -20.10
N GLN A 244 12.62 0.16 -20.84
CA GLN A 244 13.66 0.64 -21.73
C GLN A 244 15.00 0.88 -20.99
N GLY A 245 16.11 0.32 -21.48
CA GLY A 245 17.44 0.67 -20.95
C GLY A 245 17.86 2.07 -21.40
N VAL A 246 18.25 2.92 -20.47
CA VAL A 246 18.50 4.28 -20.82
C VAL A 246 19.94 4.59 -20.41
N ASP A 247 20.67 5.21 -21.33
CA ASP A 247 22.01 5.73 -21.07
C ASP A 247 21.88 7.28 -21.22
N ALA A 248 21.81 7.98 -20.10
CA ALA A 248 21.45 9.39 -20.15
C ALA A 248 21.97 9.92 -18.84
N ARG A 249 21.84 11.22 -18.62
CA ARG A 249 22.39 11.79 -17.41
C ARG A 249 21.44 11.50 -16.26
N GLU A 250 21.97 11.11 -15.11
CA GLU A 250 21.20 10.81 -13.90
C GLU A 250 21.19 12.00 -12.93
N ILE A 251 20.06 12.65 -12.80
CA ILE A 251 19.92 13.86 -11.97
C ILE A 251 18.76 13.69 -10.97
N GLU A 252 18.99 14.04 -9.71
CA GLU A 252 18.16 13.71 -8.54
C GLU A 252 17.73 14.99 -7.79
N VAL A 253 16.47 15.01 -7.34
CA VAL A 253 15.83 16.12 -6.59
C VAL A 253 15.43 15.60 -5.21
N GLY A 254 15.85 16.32 -4.16
CA GLY A 254 15.38 16.00 -2.83
C GLY A 254 14.02 16.68 -2.63
N ILE A 255 13.14 16.06 -1.84
CA ILE A 255 11.78 16.58 -1.58
C ILE A 255 11.60 16.46 -0.09
N LEU A 256 10.99 17.45 0.51
CA LEU A 256 10.80 17.46 1.97
C LEU A 256 9.49 18.21 2.27
N GLY A 257 8.70 17.61 3.14
CA GLY A 257 7.53 18.31 3.69
C GLY A 257 6.29 17.47 3.64
N ASN A 258 5.20 18.01 4.18
CA ASN A 258 3.93 17.27 4.17
C ASN A 258 2.79 17.83 3.36
N THR A 259 2.40 19.06 3.69
CA THR A 259 1.42 19.80 2.94
C THR A 259 2.22 20.87 2.16
N ASP A 260 3.21 21.48 2.82
CA ASP A 260 4.10 22.44 2.13
C ASP A 260 5.35 21.75 1.53
N VAL A 261 5.28 21.39 0.27
CA VAL A 261 6.33 20.62 -0.37
C VAL A 261 7.53 21.52 -0.82
N LYS A 262 8.74 21.19 -0.35
CA LYS A 262 9.98 21.88 -0.78
C LYS A 262 10.84 20.92 -1.56
N THR A 263 11.56 21.44 -2.53
CA THR A 263 12.46 20.65 -3.36
C THR A 263 13.82 21.27 -3.35
N THR A 264 14.84 20.46 -3.59
CA THR A 264 16.16 21.00 -3.72
C THR A 264 16.45 21.39 -5.19
N LEU A 265 17.53 22.15 -5.37
CA LEU A 265 18.21 22.21 -6.69
C LEU A 265 18.66 20.79 -7.00
N PRO A 266 18.48 20.36 -8.26
CA PRO A 266 18.99 19.04 -8.69
C PRO A 266 20.47 18.82 -8.53
N GLY A 267 20.83 17.56 -8.26
CA GLY A 267 22.23 17.17 -8.17
C GLY A 267 22.48 16.04 -9.12
N GLU A 268 23.70 15.97 -9.68
CA GLU A 268 24.03 14.97 -10.66
C GLU A 268 24.96 13.87 -10.17
N ILE A 269 24.64 12.67 -10.62
CA ILE A 269 25.37 11.46 -10.43
C ILE A 269 26.30 11.30 -11.66
N VAL A 270 27.60 11.35 -11.43
CA VAL A 270 28.58 11.21 -12.51
C VAL A 270 28.62 12.46 -13.37
N THR A 288 31.32 9.91 -8.30
CA THR A 288 31.24 11.42 -8.34
C THR A 288 29.82 12.09 -8.39
N MET A 289 29.65 13.18 -7.63
CA MET A 289 28.38 13.95 -7.55
C MET A 289 28.61 15.41 -7.89
N ALA A 290 27.81 15.99 -8.80
CA ALA A 290 27.79 17.45 -8.91
C ALA A 290 26.58 18.06 -8.20
N ILE A 291 26.79 18.79 -7.11
CA ILE A 291 25.69 19.46 -6.40
C ILE A 291 25.97 20.98 -6.27
N PRO A 292 25.14 21.84 -6.93
CA PRO A 292 24.04 21.43 -7.80
C PRO A 292 24.58 20.96 -9.18
N ALA A 293 23.68 20.34 -9.92
CA ALA A 293 23.92 19.87 -11.29
C ALA A 293 24.02 21.15 -12.13
N GLU A 294 24.90 21.14 -13.11
CA GLU A 294 24.97 22.26 -14.04
C GLU A 294 23.99 21.97 -15.15
N ILE A 295 22.79 22.56 -15.09
CA ILE A 295 21.78 22.38 -16.13
C ILE A 295 21.13 23.72 -16.37
N ASP A 296 20.47 23.82 -17.53
CA ASP A 296 19.69 25.01 -17.86
C ASP A 296 18.56 25.30 -16.84
N PRO A 297 18.35 26.57 -16.46
CA PRO A 297 17.23 26.94 -15.61
C PRO A 297 15.88 26.24 -15.92
N VAL A 298 15.56 26.07 -17.20
CA VAL A 298 14.30 25.48 -17.68
C VAL A 298 14.20 24.04 -17.21
N ILE A 299 15.29 23.31 -17.27
CA ILE A 299 15.36 21.96 -16.82
C ILE A 299 15.35 21.87 -15.31
N VAL A 300 16.05 22.79 -14.63
CA VAL A 300 15.99 22.83 -13.17
C VAL A 300 14.55 22.98 -12.65
N GLU A 301 13.84 24.02 -13.15
CA GLU A 301 12.43 24.28 -12.87
C GLU A 301 11.50 23.06 -13.18
N LYS A 302 11.71 22.45 -14.33
CA LYS A 302 10.91 21.32 -14.71
C LYS A 302 11.05 20.11 -13.78
N MET A 303 12.30 19.74 -13.53
CA MET A 303 12.61 18.70 -12.59
C MET A 303 12.05 18.90 -11.19
N ARG A 304 12.08 20.13 -10.69
CA ARG A 304 11.62 20.43 -9.36
C ARG A 304 10.06 20.42 -9.35
N ASP A 305 9.46 21.02 -10.39
CA ASP A 305 8.01 20.93 -10.53
C ASP A 305 7.48 19.47 -10.63
N TYR A 306 8.11 18.65 -11.50
CA TYR A 306 7.80 17.23 -11.63
C TYR A 306 7.95 16.41 -10.33
N ALA A 307 9.06 16.60 -9.63
CA ALA A 307 9.29 16.03 -8.33
C ALA A 307 8.13 16.39 -7.35
N ALA A 308 7.83 17.69 -7.19
CA ALA A 308 6.80 18.13 -6.30
C ALA A 308 5.43 17.59 -6.75
N THR A 309 5.15 17.66 -8.04
CA THR A 309 3.90 17.14 -8.55
C THR A 309 3.78 15.62 -8.31
N ALA A 310 4.85 14.85 -8.59
CA ALA A 310 4.85 13.41 -8.36
C ALA A 310 4.55 13.13 -6.91
N PHE A 311 5.17 13.87 -6.01
CA PHE A 311 5.00 13.67 -4.54
C PHE A 311 3.57 13.99 -4.08
N ARG A 312 3.04 15.13 -4.53
CA ARG A 312 1.64 15.51 -4.24
C ARG A 312 0.60 14.53 -4.80
N THR A 313 0.79 14.04 -6.01
CA THR A 313 -0.16 13.15 -6.70
C THR A 313 -0.30 11.83 -5.97
N LEU A 314 0.81 11.29 -5.48
CA LEU A 314 0.79 10.02 -4.79
C LEU A 314 0.39 10.17 -3.31
N GLY A 315 0.20 11.40 -2.88
CA GLY A 315 -0.07 11.62 -1.46
C GLY A 315 1.12 11.23 -0.57
N CYS A 316 2.34 11.45 -1.09
CA CYS A 316 3.51 11.26 -0.28
C CYS A 316 3.49 12.28 0.85
N CYS A 317 4.18 11.98 1.95
CA CYS A 317 4.45 12.97 2.98
C CYS A 317 5.82 12.65 3.52
N GLY A 318 6.47 13.62 4.15
CA GLY A 318 7.78 13.34 4.70
C GLY A 318 8.95 13.69 3.79
N LEU A 319 9.40 12.75 3.00
CA LEU A 319 10.57 12.93 2.18
C LEU A 319 10.41 12.02 0.98
N SER A 320 11.16 12.31 -0.08
CA SER A 320 11.39 11.40 -1.18
C SER A 320 12.54 12.01 -1.93
N ARG A 321 13.08 11.24 -2.86
CA ARG A 321 14.04 11.69 -3.82
C ARG A 321 13.51 11.22 -5.17
N CYS A 322 13.43 12.18 -6.08
CA CYS A 322 13.01 11.97 -7.46
C CYS A 322 14.23 11.87 -8.36
N ASP A 323 14.39 10.70 -8.96
CA ASP A 323 15.51 10.33 -9.85
C ASP A 323 15.06 10.52 -11.28
N PHE A 324 15.71 11.41 -12.00
CA PHE A 324 15.40 11.75 -13.39
C PHE A 324 16.50 11.31 -14.37
N PHE A 325 16.10 11.07 -15.61
CA PHE A 325 17.06 11.02 -16.71
C PHE A 325 16.95 12.26 -17.54
N LEU A 326 18.12 12.76 -17.94
CA LEU A 326 18.21 13.90 -18.85
C LEU A 326 19.00 13.45 -20.13
N THR A 327 18.31 13.46 -21.27
CA THR A 327 18.89 13.00 -22.53
C THR A 327 19.73 14.11 -23.20
N GLU A 328 20.58 13.73 -24.17
CA GLU A 328 21.43 14.69 -24.93
C GLU A 328 20.59 15.75 -25.67
N ASP A 329 19.35 15.41 -26.02
CA ASP A 329 18.40 16.38 -26.58
C ASP A 329 17.70 17.24 -25.54
N GLY A 330 18.07 17.11 -24.25
CA GLY A 330 17.38 17.88 -23.20
C GLY A 330 15.97 17.44 -22.80
N LYS A 331 15.68 16.16 -22.96
CA LYS A 331 14.34 15.64 -22.54
C LYS A 331 14.53 15.05 -21.16
N VAL A 332 13.53 15.29 -20.33
CA VAL A 332 13.50 14.87 -18.95
C VAL A 332 12.47 13.72 -18.80
N TYR A 333 12.91 12.61 -18.20
CA TYR A 333 12.04 11.49 -17.84
C TYR A 333 12.16 11.18 -16.39
N LEU A 334 11.01 10.93 -15.77
CA LEU A 334 11.04 10.45 -14.40
C LEU A 334 11.48 9.03 -14.41
N ASN A 335 12.53 8.69 -13.72
CA ASN A 335 12.89 7.31 -13.63
C ASN A 335 12.23 6.72 -12.41
N GLU A 336 12.52 7.28 -11.24
CA GLU A 336 12.05 6.66 -10.02
C GLU A 336 11.82 7.60 -8.84
N LEU A 337 10.72 7.36 -8.14
CA LEU A 337 10.45 8.00 -6.90
C LEU A 337 10.77 7.13 -5.70
N ASN A 338 11.71 7.61 -4.94
CA ASN A 338 12.36 6.86 -3.95
C ASN A 338 11.95 7.42 -2.61
N THR A 339 11.14 6.69 -1.87
CA THR A 339 10.53 7.21 -0.65
C THR A 339 11.44 7.12 0.59
N MET A 340 12.37 6.18 0.64
CA MET A 340 13.35 6.16 1.72
C MET A 340 14.73 6.12 1.10
N PRO A 341 15.25 7.29 0.70
CA PRO A 341 16.53 7.27 -0.01
C PRO A 341 17.68 6.97 0.95
N GLY A 342 18.81 6.54 0.41
CA GLY A 342 20.00 6.40 1.21
C GLY A 342 20.33 7.67 1.96
N PHE A 343 20.80 7.46 3.19
CA PHE A 343 21.56 8.49 3.94
C PHE A 343 23.11 8.23 4.10
N THR A 344 23.76 7.54 3.15
CA THR A 344 25.15 6.99 3.39
C THR A 344 26.29 8.03 3.29
N SER A 347 25.68 10.13 0.46
CA SER A 347 24.72 9.85 -0.64
C SER A 347 23.90 11.10 -0.84
N MET A 348 23.20 11.14 -1.95
CA MET A 348 22.65 12.41 -2.44
C MET A 348 21.66 13.13 -1.54
N TYR A 349 20.78 12.42 -0.87
CA TYR A 349 19.61 13.13 -0.28
C TYR A 349 20.01 14.18 0.76
N PRO A 350 20.86 13.78 1.73
CA PRO A 350 21.31 14.80 2.71
C PRO A 350 22.15 15.94 2.10
N LEU A 351 22.96 15.60 1.11
CA LEU A 351 23.82 16.57 0.49
C LEU A 351 23.08 17.55 -0.36
N LEU A 352 22.01 17.08 -1.05
CA LEU A 352 21.13 17.97 -1.79
C LEU A 352 20.50 19.07 -0.90
N TRP A 353 20.07 18.68 0.30
CA TRP A 353 19.49 19.59 1.26
C TRP A 353 20.54 20.46 1.89
N GLU A 354 21.77 19.93 2.01
CA GLU A 354 22.93 20.69 2.56
C GLU A 354 23.28 21.88 1.63
N ASN A 355 23.18 21.67 0.32
CA ASN A 355 23.46 22.69 -0.63
C ASN A 355 22.42 23.77 -0.51
N MET A 356 21.19 23.40 -0.10
CA MET A 356 20.14 24.43 0.09
C MET A 356 20.24 25.19 1.41
N GLY A 357 21.24 24.88 2.21
CA GLY A 357 21.38 25.52 3.49
C GLY A 357 20.67 24.75 4.58
N LEU A 358 20.21 23.52 4.32
CA LEU A 358 19.62 22.76 5.40
C LEU A 358 20.53 21.67 5.91
N SER A 359 21.04 21.85 7.12
CA SER A 359 22.02 20.91 7.62
C SER A 359 21.39 19.60 7.95
N TYR A 360 22.22 18.60 8.01
CA TYR A 360 21.78 17.24 8.17
C TYR A 360 21.04 17.04 9.50
N SER A 361 21.56 17.61 10.58
CA SER A 361 20.94 17.46 11.87
C SER A 361 19.60 18.18 11.90
N VAL A 362 19.51 19.36 11.29
CA VAL A 362 18.25 20.06 11.20
C VAL A 362 17.31 19.39 10.18
N LEU A 363 17.86 18.79 9.11
CA LEU A 363 17.04 17.96 8.21
C LEU A 363 16.32 16.87 9.01
N ILE A 364 17.03 16.21 9.90
CA ILE A 364 16.48 15.15 10.72
C ILE A 364 15.34 15.63 11.62
N GLU A 365 15.54 16.77 12.30
CA GLU A 365 14.55 17.25 13.23
C GLU A 365 13.28 17.60 12.50
N GLU A 366 13.45 18.18 11.31
CA GLU A 366 12.30 18.47 10.43
C GLU A 366 11.49 17.19 10.05
N LEU A 367 12.22 16.12 9.73
CA LEU A 367 11.59 14.83 9.42
C LEU A 367 10.82 14.35 10.62
N VAL A 368 11.37 14.55 11.82
CA VAL A 368 10.71 14.12 13.03
C VAL A 368 9.45 14.96 13.26
N SER A 369 9.51 16.25 13.03
CA SER A 369 8.36 17.08 13.27
C SER A 369 7.29 16.80 12.23
N LEU A 370 7.66 16.55 10.98
CA LEU A 370 6.65 16.08 10.00
C LEU A 370 6.00 14.74 10.39
N ALA A 371 6.78 13.83 10.99
CA ALA A 371 6.28 12.53 11.43
C ALA A 371 5.17 12.67 12.45
N LYS A 372 5.43 13.48 13.46
CA LYS A 372 4.43 13.82 14.53
C LYS A 372 3.19 14.51 13.98
N GLU A 373 3.40 15.46 13.10
CA GLU A 373 2.30 16.08 12.42
C GLU A 373 1.44 15.07 11.61
N MET A 374 2.03 14.12 10.85
CA MET A 374 1.22 13.08 10.18
C MET A 374 0.51 12.15 11.11
N PHE A 375 1.18 11.79 12.21
CA PHE A 375 0.57 11.00 13.27
C PHE A 375 -0.64 11.70 13.90
N ASP A 376 -0.49 12.98 14.25
CA ASP A 376 -1.57 13.72 14.90
C ASP A 376 -2.74 13.76 13.96
N LYS A 377 -2.42 13.94 12.70
CA LYS A 377 -3.41 14.08 11.66
C LYS A 377 -4.12 12.73 11.43
N ARG A 378 -3.38 11.63 11.47
CA ARG A 378 -3.96 10.30 11.25
C ARG A 378 -4.63 9.69 12.49
N GLU A 379 -4.39 10.29 13.66
CA GLU A 379 -4.97 9.79 14.91
C GLU A 379 -6.16 10.65 15.33
N SER A 380 -6.23 11.86 14.80
CA SER A 380 -7.32 12.77 15.12
C SER A 380 -8.52 12.54 14.23
N LYS B 37 -6.32 -29.62 13.65
CA LYS B 37 -4.88 -29.79 13.21
C LYS B 37 -4.17 -28.50 12.76
N GLU B 38 -4.92 -27.50 12.32
CA GLU B 38 -4.30 -26.15 12.06
C GLU B 38 -4.72 -25.01 13.00
N THR B 39 -3.76 -24.13 13.31
CA THR B 39 -4.03 -22.89 14.07
C THR B 39 -4.38 -21.71 13.20
N LEU B 40 -5.63 -21.28 13.36
CA LEU B 40 -6.16 -20.10 12.78
C LEU B 40 -6.19 -18.97 13.82
N VAL B 41 -5.50 -17.86 13.56
CA VAL B 41 -5.55 -16.69 14.45
C VAL B 41 -6.56 -15.76 13.81
N LEU B 42 -7.59 -15.43 14.55
CA LEU B 42 -8.71 -14.73 13.95
C LEU B 42 -8.70 -13.36 14.61
N LEU B 43 -8.44 -12.30 13.84
CA LEU B 43 -8.31 -10.93 14.37
C LEU B 43 -9.57 -10.23 14.00
N TYR B 44 -10.19 -9.55 14.93
CA TYR B 44 -11.48 -8.93 14.67
C TYR B 44 -11.52 -7.67 15.49
N GLY B 45 -12.45 -6.80 15.19
CA GLY B 45 -12.58 -5.54 15.89
C GLY B 45 -12.09 -4.45 14.97
N GLY B 46 -11.00 -3.80 15.38
CA GLY B 46 -10.42 -2.73 14.64
C GLY B 46 -10.80 -1.32 15.06
N ARG B 47 -10.13 -0.37 14.42
CA ARG B 47 -10.24 1.02 14.77
C ARG B 47 -11.11 1.79 13.79
N SER B 48 -11.42 1.20 12.63
CA SER B 48 -12.38 1.78 11.61
C SER B 48 -13.86 1.96 12.10
N ALA B 49 -14.67 2.63 11.29
CA ALA B 49 -16.10 2.83 11.58
C ALA B 49 -16.91 1.54 11.38
N GLU B 50 -16.29 0.56 10.70
CA GLU B 50 -16.92 -0.71 10.26
C GLU B 50 -16.57 -1.86 11.22
N ARG B 51 -16.04 -1.48 12.38
CA ARG B 51 -15.53 -2.38 13.43
C ARG B 51 -16.60 -3.18 14.20
N ASP B 52 -17.83 -2.70 14.24
CA ASP B 52 -18.93 -3.44 14.86
C ASP B 52 -19.40 -4.62 13.98
N VAL B 53 -19.56 -4.35 12.66
CA VAL B 53 -19.69 -5.36 11.57
C VAL B 53 -18.57 -6.44 11.55
N SER B 54 -17.33 -5.98 11.82
CA SER B 54 -16.18 -6.86 11.92
C SER B 54 -16.41 -7.96 12.95
N VAL B 55 -16.89 -7.56 14.15
CA VAL B 55 -17.22 -8.47 15.25
C VAL B 55 -18.29 -9.51 14.79
N LEU B 56 -19.33 -9.05 14.10
CA LEU B 56 -20.32 -9.97 13.59
C LEU B 56 -19.78 -10.96 12.52
N SER B 57 -18.99 -10.47 11.55
CA SER B 57 -18.34 -11.34 10.55
C SER B 57 -17.50 -12.39 11.23
N ALA B 58 -16.77 -11.98 12.28
CA ALA B 58 -15.84 -12.88 12.97
C ALA B 58 -16.59 -13.99 13.74
N GLU B 59 -17.76 -13.60 14.31
CA GLU B 59 -18.66 -14.52 15.01
C GLU B 59 -19.23 -15.53 13.97
N SER B 60 -19.64 -15.01 12.81
CA SER B 60 -20.09 -15.89 11.75
C SER B 60 -18.96 -16.83 11.26
N VAL B 61 -17.75 -16.32 11.04
CA VAL B 61 -16.59 -17.18 10.64
C VAL B 61 -16.25 -18.20 11.71
N MET B 62 -16.24 -17.80 12.98
CA MET B 62 -15.90 -18.80 14.03
C MET B 62 -16.98 -19.90 14.16
N ARG B 63 -18.21 -19.62 13.76
CA ARG B 63 -19.26 -20.65 13.79
C ARG B 63 -19.32 -21.51 12.55
N ALA B 64 -18.93 -20.99 11.40
CA ALA B 64 -18.98 -21.73 10.13
C ALA B 64 -17.74 -22.56 9.89
N ILE B 65 -16.68 -22.29 10.61
CA ILE B 65 -15.47 -23.04 10.43
C ILE B 65 -15.63 -24.50 10.90
N ASN B 66 -14.98 -25.40 10.16
CA ASN B 66 -14.84 -26.82 10.55
C ASN B 66 -13.70 -27.02 11.56
N TYR B 67 -14.06 -27.28 12.81
CA TYR B 67 -13.05 -27.54 13.82
C TYR B 67 -12.34 -28.90 13.69
N ASP B 68 -12.88 -29.81 12.88
CA ASP B 68 -12.08 -31.00 12.45
C ASP B 68 -10.69 -30.54 12.00
N ASN B 69 -10.68 -29.36 11.36
CA ASN B 69 -9.53 -28.91 10.59
C ASN B 69 -8.70 -27.83 11.29
N PHE B 70 -9.34 -27.12 12.22
CA PHE B 70 -8.72 -25.96 12.88
C PHE B 70 -8.91 -25.90 14.40
N LEU B 71 -7.82 -25.50 15.07
CA LEU B 71 -7.91 -24.82 16.38
C LEU B 71 -8.00 -23.27 16.14
N VAL B 72 -9.04 -22.59 16.61
CA VAL B 72 -9.20 -21.14 16.36
C VAL B 72 -8.82 -20.31 17.57
N LYS B 73 -7.84 -19.42 17.43
CA LYS B 73 -7.42 -18.46 18.50
C LYS B 73 -7.86 -17.03 18.17
N THR B 74 -8.80 -16.48 18.95
CA THR B 74 -9.34 -15.16 18.68
C THR B 74 -8.60 -14.03 19.39
N TYR B 75 -8.51 -12.88 18.72
CA TYR B 75 -7.94 -11.65 19.28
C TYR B 75 -8.74 -10.46 18.82
N PHE B 76 -9.20 -9.70 19.81
CA PHE B 76 -9.97 -8.50 19.58
C PHE B 76 -9.02 -7.33 19.49
N ILE B 77 -9.15 -6.51 18.46
CA ILE B 77 -8.41 -5.24 18.45
C ILE B 77 -9.41 -4.19 18.84
N THR B 78 -9.08 -3.44 19.88
CA THR B 78 -9.99 -2.44 20.40
C THR B 78 -9.93 -1.18 19.51
N GLN B 79 -10.91 -0.27 19.68
CA GLN B 79 -11.05 0.95 18.89
C GLN B 79 -9.83 1.84 19.05
N ALA B 80 -9.18 1.75 20.21
CA ALA B 80 -7.95 2.47 20.53
C ALA B 80 -6.71 1.76 19.97
N GLY B 81 -6.89 0.54 19.52
CA GLY B 81 -5.80 -0.14 18.83
C GLY B 81 -5.12 -1.19 19.66
N ASP B 82 -5.64 -1.53 20.85
CA ASP B 82 -4.92 -2.51 21.69
C ASP B 82 -5.36 -3.89 21.30
N PHE B 83 -4.53 -4.90 21.57
CA PHE B 83 -4.83 -6.27 21.20
C PHE B 83 -5.28 -7.03 22.45
N ILE B 84 -6.48 -7.60 22.41
CA ILE B 84 -7.00 -8.36 23.55
C ILE B 84 -7.11 -9.87 23.27
N LYS B 85 -6.32 -10.65 24.00
CA LYS B 85 -6.39 -12.10 23.92
C LYS B 85 -7.71 -12.57 24.55
N THR B 86 -8.57 -13.06 23.68
CA THR B 86 -9.93 -13.48 24.02
C THR B 86 -10.09 -14.90 23.46
N GLN B 87 -11.28 -15.48 23.46
CA GLN B 87 -11.40 -16.96 23.30
C GLN B 87 -10.53 -17.78 22.29
N GLU B 88 -10.09 -18.96 22.73
CA GLU B 88 -9.54 -19.99 21.84
C GLU B 88 -10.50 -21.19 21.78
N PHE B 89 -11.03 -21.49 20.59
CA PHE B 89 -11.99 -22.56 20.39
C PHE B 89 -11.33 -23.74 19.73
N ASP B 90 -11.51 -24.94 20.30
CA ASP B 90 -11.12 -26.22 19.65
C ASP B 90 -12.34 -26.95 19.12
N SER B 91 -13.52 -26.39 19.36
CA SER B 91 -14.72 -26.99 18.81
C SER B 91 -15.79 -25.94 18.60
N GLN B 92 -16.82 -26.27 17.84
CA GLN B 92 -17.81 -25.24 17.54
C GLN B 92 -18.40 -24.54 18.80
N PRO B 93 -18.57 -23.22 18.72
CA PRO B 93 -19.11 -22.45 19.83
C PRO B 93 -20.63 -22.34 19.76
N SER B 94 -21.26 -21.94 20.86
CA SER B 94 -22.71 -21.80 20.91
C SER B 94 -23.14 -20.39 20.52
N ASP B 97 -21.80 -18.17 23.19
CA ASP B 97 -20.36 -18.06 23.01
C ASP B 97 -20.14 -16.80 22.16
N LYS B 98 -20.00 -15.63 22.81
CA LYS B 98 -19.86 -14.34 22.12
C LYS B 98 -18.42 -13.79 22.09
N LEU B 99 -18.09 -13.03 21.04
CA LEU B 99 -16.73 -12.39 20.94
C LEU B 99 -16.72 -11.02 21.64
N MET B 100 -15.55 -10.48 21.95
CA MET B 100 -15.43 -9.20 22.69
C MET B 100 -15.89 -7.99 21.90
N THR B 101 -16.28 -6.97 22.62
CA THR B 101 -16.75 -5.73 22.04
C THR B 101 -16.04 -4.57 22.81
N ASN B 102 -16.14 -3.35 22.32
CA ASN B 102 -15.53 -2.21 23.03
C ASN B 102 -16.16 -1.83 24.41
N ASP B 103 -17.38 -2.33 24.67
CA ASP B 103 -18.10 -2.25 25.95
C ASP B 103 -17.66 -3.34 26.95
N THR B 104 -17.10 -4.43 26.42
CA THR B 104 -16.75 -5.60 27.20
C THR B 104 -15.26 -5.94 27.28
N ILE B 105 -14.37 -4.98 27.09
CA ILE B 105 -12.93 -5.25 27.21
C ILE B 105 -12.57 -5.82 28.62
N ILE B 106 -11.66 -6.81 28.65
CA ILE B 106 -11.08 -7.33 29.88
C ILE B 106 -9.59 -6.97 29.91
N ALA B 107 -9.25 -5.98 30.75
CA ALA B 107 -7.95 -5.34 30.68
C ALA B 107 -6.81 -6.32 30.92
N SER B 108 -7.01 -7.30 31.79
CA SER B 108 -5.94 -8.22 32.11
C SER B 108 -5.62 -9.15 30.96
N GLN B 109 -6.56 -9.25 30.02
CA GLN B 109 -6.42 -10.12 28.82
C GLN B 109 -5.68 -9.43 27.65
N LYS B 110 -5.26 -8.18 27.87
CA LYS B 110 -4.39 -7.44 26.96
C LYS B 110 -3.03 -8.09 26.77
N ILE B 111 -2.60 -8.16 25.50
CA ILE B 111 -1.30 -8.69 25.15
C ILE B 111 -0.44 -7.65 24.39
N LYS B 112 0.84 -7.95 24.29
CA LYS B 112 1.71 -7.29 23.31
C LYS B 112 1.26 -7.76 21.90
N PRO B 113 1.00 -6.78 21.00
CA PRO B 113 0.50 -7.13 19.69
C PRO B 113 1.33 -8.23 18.95
N SER B 114 2.66 -8.32 19.14
CA SER B 114 3.39 -9.36 18.37
C SER B 114 3.20 -10.74 18.95
N ASP B 115 2.65 -10.79 20.17
CA ASP B 115 2.40 -12.07 20.86
C ASP B 115 1.23 -12.78 20.27
N ILE B 116 0.61 -12.24 19.21
CA ILE B 116 -0.31 -13.08 18.39
C ILE B 116 0.49 -14.17 17.63
N TYR B 117 1.79 -13.99 17.56
CA TYR B 117 2.62 -14.81 16.72
C TYR B 117 2.74 -16.25 17.24
N GLU B 118 2.67 -17.17 16.32
CA GLU B 118 2.81 -18.58 16.57
C GLU B 118 3.23 -19.19 15.28
N GLU B 119 4.35 -19.85 15.26
CA GLU B 119 4.78 -20.61 14.12
C GLU B 119 3.68 -21.41 13.45
N GLU B 120 3.58 -21.22 12.17
CA GLU B 120 2.70 -21.96 11.30
C GLU B 120 1.22 -21.65 11.42
N ALA B 121 0.86 -20.66 12.19
CA ALA B 121 -0.54 -20.26 12.36
C ALA B 121 -0.83 -19.32 11.19
N VAL B 122 -2.07 -19.34 10.75
CA VAL B 122 -2.50 -18.55 9.63
C VAL B 122 -3.49 -17.49 10.17
N VAL B 123 -3.27 -16.24 9.82
CA VAL B 123 -4.14 -15.19 10.31
C VAL B 123 -5.26 -14.98 9.32
N PHE B 124 -6.49 -14.97 9.86
CA PHE B 124 -7.63 -14.51 9.17
C PHE B 124 -8.00 -13.14 9.79
N PRO B 125 -7.61 -12.02 9.12
CA PRO B 125 -8.00 -10.72 9.71
C PRO B 125 -9.35 -10.31 9.24
N VAL B 126 -10.37 -10.45 10.08
CA VAL B 126 -11.74 -10.08 9.76
C VAL B 126 -11.95 -8.62 10.18
N LEU B 127 -11.26 -7.75 9.45
CA LEU B 127 -11.27 -6.32 9.71
C LEU B 127 -11.66 -5.66 8.41
N HIS B 128 -12.57 -4.70 8.52
CA HIS B 128 -13.20 -4.00 7.40
C HIS B 128 -12.88 -2.46 7.42
N GLY B 129 -12.80 -1.83 6.27
CA GLY B 129 -12.38 -0.44 6.25
C GLY B 129 -10.93 -0.16 6.66
N PRO B 130 -10.64 1.08 7.00
CA PRO B 130 -9.29 1.53 7.36
C PRO B 130 -8.63 0.77 8.49
N MET B 131 -7.35 0.47 8.36
CA MET B 131 -6.67 -0.37 9.33
C MET B 131 -7.19 -1.80 9.26
N GLY B 132 -8.01 -2.08 8.26
CA GLY B 132 -8.58 -3.40 8.08
C GLY B 132 -8.47 -3.80 6.62
N GLU B 133 -8.49 -2.80 5.74
CA GLU B 133 -8.40 -3.06 4.29
C GLU B 133 -7.39 -2.12 3.57
N ASP B 134 -6.55 -1.44 4.33
CA ASP B 134 -5.82 -0.33 3.78
C ASP B 134 -4.30 -0.68 3.70
N GLY B 135 -4.03 -1.97 3.92
CA GLY B 135 -2.70 -2.58 3.93
C GLY B 135 -1.90 -2.41 5.22
N SER B 136 -2.46 -1.79 6.28
CA SER B 136 -1.70 -1.61 7.53
C SER B 136 -1.62 -2.91 8.31
N ILE B 137 -2.76 -3.60 8.41
CA ILE B 137 -2.80 -4.93 9.00
C ILE B 137 -1.93 -5.93 8.26
N GLN B 138 -1.94 -5.88 6.92
CA GLN B 138 -1.18 -6.82 6.14
C GLN B 138 0.29 -6.55 6.36
N GLY B 139 0.65 -5.29 6.51
CA GLY B 139 2.07 -4.92 6.67
C GLY B 139 2.57 -5.39 8.02
N PHE B 140 1.69 -5.32 9.02
CA PHE B 140 2.06 -5.64 10.37
C PHE B 140 2.30 -7.13 10.43
N LEU B 141 1.42 -7.91 9.79
CA LEU B 141 1.55 -9.38 9.77
C LEU B 141 2.75 -9.87 8.94
N GLU B 142 3.06 -9.16 7.84
CA GLU B 142 4.24 -9.45 7.07
C GLU B 142 5.50 -9.24 7.89
N VAL B 143 5.54 -8.15 8.64
CA VAL B 143 6.68 -7.87 9.55
C VAL B 143 6.85 -8.93 10.64
N LEU B 144 5.70 -9.43 11.17
CA LEU B 144 5.60 -10.55 12.12
C LEU B 144 5.81 -11.89 11.45
N LYS B 145 5.88 -11.90 10.12
CA LYS B 145 6.17 -13.10 9.36
C LYS B 145 5.05 -14.11 9.51
N MET B 146 3.81 -13.71 9.27
CA MET B 146 2.77 -14.73 9.42
C MET B 146 1.98 -14.78 8.14
N PRO B 147 1.56 -16.00 7.70
CA PRO B 147 0.60 -16.13 6.57
C PRO B 147 -0.71 -15.46 6.96
N TYR B 148 -1.36 -14.82 6.01
CA TYR B 148 -2.63 -14.19 6.36
C TYR B 148 -3.50 -14.34 5.15
N VAL B 149 -4.79 -14.47 5.40
CA VAL B 149 -5.83 -14.51 4.41
C VAL B 149 -6.00 -13.10 3.77
N GLY B 150 -6.03 -13.04 2.46
CA GLY B 150 -6.55 -11.86 1.81
C GLY B 150 -5.55 -11.23 0.92
N THR B 151 -5.80 -10.01 0.50
CA THR B 151 -4.90 -9.44 -0.50
C THR B 151 -3.64 -8.87 0.18
N ASN B 152 -2.58 -8.67 -0.61
CA ASN B 152 -1.34 -8.14 -0.10
C ASN B 152 -1.36 -6.64 0.17
N ILE B 153 -0.21 -6.05 0.47
CA ILE B 153 -0.17 -4.62 0.87
C ILE B 153 -0.52 -3.65 -0.22
N LEU B 154 0.07 -3.84 -1.39
CA LEU B 154 -0.24 -3.02 -2.59
C LEU B 154 -1.67 -3.13 -3.09
N SER B 155 -2.19 -4.34 -3.23
CA SER B 155 -3.49 -4.45 -3.81
C SER B 155 -4.60 -4.00 -2.78
N SER B 156 -4.38 -4.18 -1.48
CA SER B 156 -5.24 -3.57 -0.47
C SER B 156 -5.32 -2.04 -0.47
N SER B 157 -4.17 -1.39 -0.44
CA SER B 157 -4.13 0.05 -0.33
C SER B 157 -4.61 0.65 -1.63
N VAL B 158 -4.22 0.08 -2.77
CA VAL B 158 -4.74 0.59 -4.03
C VAL B 158 -6.28 0.39 -4.09
N ALA B 159 -6.78 -0.78 -3.69
CA ALA B 159 -8.20 -1.08 -3.81
C ALA B 159 -8.99 -0.21 -2.88
N MET B 160 -8.39 0.18 -1.76
CA MET B 160 -9.00 1.07 -0.81
C MET B 160 -9.08 2.50 -1.35
N ASP B 161 -8.17 2.88 -2.26
CA ASP B 161 -8.07 4.25 -2.77
C ASP B 161 -8.69 4.22 -4.12
N LYS B 162 -9.93 4.65 -4.16
CA LYS B 162 -10.71 4.73 -5.37
C LYS B 162 -10.04 5.59 -6.43
N ILE B 163 -9.38 6.67 -6.10
CA ILE B 163 -8.68 7.47 -7.18
C ILE B 163 -7.64 6.63 -7.92
N THR B 164 -6.86 5.88 -7.17
CA THR B 164 -5.77 5.12 -7.75
C THR B 164 -6.28 3.92 -8.48
N THR B 165 -7.25 3.24 -7.87
CA THR B 165 -7.93 2.11 -8.56
C THR B 165 -8.49 2.53 -9.92
N ASN B 166 -9.26 3.61 -9.96
CA ASN B 166 -9.86 4.12 -11.20
C ASN B 166 -8.79 4.44 -12.22
N GLN B 167 -7.72 5.12 -11.82
CA GLN B 167 -6.64 5.47 -12.76
C GLN B 167 -5.95 4.26 -13.31
N VAL B 168 -5.74 3.28 -12.44
CA VAL B 168 -5.09 2.01 -12.85
C VAL B 168 -5.97 1.25 -13.80
N LEU B 169 -7.25 1.15 -13.48
CA LEU B 169 -8.15 0.39 -14.29
C LEU B 169 -8.48 1.03 -15.63
N GLU B 170 -8.71 2.35 -15.65
CA GLU B 170 -8.85 3.11 -16.92
C GLU B 170 -7.62 3.09 -17.81
N SER B 171 -6.44 3.09 -17.22
CA SER B 171 -5.23 2.91 -18.00
C SER B 171 -5.04 1.47 -18.53
N ALA B 172 -5.16 0.47 -17.67
CA ALA B 172 -4.85 -0.89 -18.08
C ALA B 172 -6.00 -1.73 -18.59
N THR B 173 -7.23 -1.22 -18.50
CA THR B 173 -8.40 -2.09 -18.82
C THR B 173 -9.48 -1.29 -19.52
N THR B 174 -10.56 -1.98 -19.87
CA THR B 174 -11.74 -1.35 -20.45
C THR B 174 -12.92 -1.44 -19.46
N ILE B 175 -12.65 -1.62 -18.18
CA ILE B 175 -13.70 -1.73 -17.23
C ILE B 175 -14.21 -0.30 -16.96
N PRO B 176 -15.53 -0.02 -17.19
CA PRO B 176 -16.01 1.37 -16.95
C PRO B 176 -16.10 1.62 -15.48
N GLN B 177 -15.70 2.84 -15.06
CA GLN B 177 -15.61 3.22 -13.70
C GLN B 177 -16.76 4.17 -13.46
N VAL B 178 -17.33 4.17 -12.24
CA VAL B 178 -18.34 5.20 -11.92
C VAL B 178 -17.69 6.58 -12.13
N ALA B 179 -18.42 7.46 -12.83
CA ALA B 179 -17.90 8.78 -13.25
C ALA B 179 -17.43 9.50 -11.99
N TYR B 180 -16.26 10.14 -12.09
CA TYR B 180 -15.67 10.75 -10.91
C TYR B 180 -14.71 11.85 -11.39
N VAL B 181 -14.38 12.73 -10.46
CA VAL B 181 -13.31 13.70 -10.61
C VAL B 181 -12.38 13.58 -9.35
N ALA B 182 -11.07 13.62 -9.56
CA ALA B 182 -10.09 13.62 -8.47
C ALA B 182 -9.55 15.01 -8.26
N LEU B 183 -9.42 15.42 -7.01
CA LEU B 183 -8.84 16.73 -6.63
C LEU B 183 -7.62 16.50 -5.70
N ILE B 184 -6.50 17.07 -6.10
CA ILE B 184 -5.28 17.13 -5.34
C ILE B 184 -5.20 18.57 -4.83
N GLU B 185 -5.26 18.77 -3.52
CA GLU B 185 -4.87 20.09 -2.99
C GLU B 185 -3.62 20.77 -3.66
N GLY B 186 -3.86 22.00 -4.11
CA GLY B 186 -3.03 22.77 -5.05
C GLY B 186 -3.72 23.06 -6.38
N GLU B 187 -4.51 22.14 -6.90
CA GLU B 187 -5.23 22.41 -8.16
C GLU B 187 -6.16 23.61 -7.99
N PRO B 188 -6.13 24.54 -8.96
CA PRO B 188 -7.03 25.66 -8.86
C PRO B 188 -8.48 25.19 -8.66
N LEU B 189 -9.16 25.73 -7.65
CA LEU B 189 -10.54 25.36 -7.34
C LEU B 189 -11.59 25.60 -8.43
N GLU B 190 -11.59 26.77 -9.06
CA GLU B 190 -12.66 27.08 -10.03
C GLU B 190 -12.79 26.09 -11.18
N SER B 191 -11.67 25.71 -11.77
CA SER B 191 -11.73 24.82 -12.90
C SER B 191 -12.02 23.38 -12.48
N LYS B 192 -11.69 23.01 -11.24
CA LYS B 192 -12.16 21.75 -10.60
C LYS B 192 -13.66 21.72 -10.48
N LEU B 193 -14.25 22.80 -9.99
CA LEU B 193 -15.70 22.90 -9.87
C LEU B 193 -16.38 22.69 -11.22
N ALA B 194 -15.82 23.35 -12.24
CA ALA B 194 -16.37 23.31 -13.58
C ALA B 194 -16.18 21.94 -14.21
N GLU B 195 -15.05 21.29 -13.88
CA GLU B 195 -14.75 19.96 -14.29
C GLU B 195 -15.72 19.01 -13.65
N VAL B 196 -15.98 19.15 -12.33
CA VAL B 196 -17.06 18.37 -11.72
C VAL B 196 -18.37 18.56 -12.46
N GLU B 197 -18.78 19.81 -12.71
CA GLU B 197 -20.03 20.03 -13.39
C GLU B 197 -20.02 19.62 -14.84
N GLU B 198 -18.87 19.56 -15.48
CA GLU B 198 -18.85 19.07 -16.86
C GLU B 198 -18.98 17.53 -16.83
N LYS B 199 -18.21 16.85 -15.99
CA LYS B 199 -18.19 15.40 -16.02
C LYS B 199 -19.39 14.73 -15.36
N LEU B 200 -19.94 15.39 -14.32
CA LEU B 200 -20.90 14.75 -13.41
C LEU B 200 -22.27 15.46 -13.38
N ILE B 201 -23.28 14.77 -12.87
CA ILE B 201 -24.60 15.35 -12.72
C ILE B 201 -24.93 15.32 -11.21
N TYR B 202 -25.35 16.46 -10.63
CA TYR B 202 -25.76 16.53 -9.22
C TYR B 202 -26.93 15.56 -9.00
N PRO B 203 -27.02 14.93 -7.80
CA PRO B 203 -26.02 14.99 -6.73
C PRO B 203 -24.67 14.27 -6.97
N VAL B 204 -23.64 14.78 -6.29
CA VAL B 204 -22.39 14.11 -6.19
C VAL B 204 -22.02 13.97 -4.71
N PHE B 205 -21.11 13.03 -4.46
CA PHE B 205 -20.58 12.79 -3.15
C PHE B 205 -19.11 13.18 -3.07
N VAL B 206 -18.73 13.84 -1.99
CA VAL B 206 -17.39 14.27 -1.83
C VAL B 206 -16.78 13.54 -0.65
N LYS B 207 -15.61 12.97 -0.83
CA LYS B 207 -14.98 12.33 0.33
C LYS B 207 -13.47 12.56 0.32
N PRO B 208 -12.87 12.70 1.48
CA PRO B 208 -11.41 12.70 1.46
C PRO B 208 -10.92 11.31 1.01
N ALA B 209 -9.82 11.20 0.28
CA ALA B 209 -9.31 9.89 -0.08
C ALA B 209 -8.82 9.06 1.13
N ASN B 210 -8.22 9.66 2.18
CA ASN B 210 -7.68 8.91 3.37
C ASN B 210 -8.67 7.91 3.93
N GLY B 216 -15.32 12.32 6.31
CA GLY B 216 -15.76 13.59 5.75
C GLY B 216 -16.58 13.41 4.48
N ILE B 217 -17.47 12.41 4.44
CA ILE B 217 -18.36 12.25 3.29
C ILE B 217 -19.57 13.19 3.30
N SER B 218 -19.66 14.04 2.29
CA SER B 218 -20.80 14.94 2.08
C SER B 218 -21.42 14.85 0.66
N LYS B 219 -22.75 14.94 0.63
CA LYS B 219 -23.49 15.05 -0.57
C LYS B 219 -23.65 16.50 -0.96
N ALA B 220 -23.56 16.74 -2.26
CA ALA B 220 -23.75 18.03 -2.89
C ALA B 220 -24.81 17.96 -3.98
N GLU B 221 -25.77 18.89 -3.93
CA GLU B 221 -26.84 19.00 -4.96
C GLU B 221 -26.67 20.20 -5.86
N ASN B 222 -25.70 21.04 -5.53
CA ASN B 222 -25.45 22.29 -6.22
C ASN B 222 -23.99 22.67 -6.00
N ARG B 223 -23.51 23.61 -6.80
CA ARG B 223 -22.16 24.19 -6.66
C ARG B 223 -21.75 24.74 -5.27
N THR B 224 -22.66 25.37 -4.55
CA THR B 224 -22.43 25.81 -3.14
C THR B 224 -22.25 24.63 -2.17
N ASP B 225 -23.14 23.66 -2.27
CA ASP B 225 -22.96 22.42 -1.49
C ASP B 225 -21.65 21.80 -1.85
N LEU B 226 -21.29 21.82 -3.13
CA LEU B 226 -20.01 21.20 -3.56
C LEU B 226 -18.80 21.85 -2.93
N LYS B 227 -18.75 23.19 -2.97
CA LYS B 227 -17.65 23.94 -2.41
C LYS B 227 -17.54 23.71 -0.92
N GLN B 228 -18.68 23.75 -0.23
CA GLN B 228 -18.68 23.48 1.19
C GLN B 228 -18.21 22.10 1.52
N ALA B 229 -18.62 21.12 0.71
CA ALA B 229 -18.15 19.74 0.95
C ALA B 229 -16.61 19.56 0.72
N ILE B 230 -16.09 20.16 -0.36
CA ILE B 230 -14.64 20.08 -0.69
C ILE B 230 -13.79 20.74 0.41
N ALA B 231 -14.24 21.88 0.88
CA ALA B 231 -13.52 22.62 1.88
C ALA B 231 -13.34 21.80 3.18
N LEU B 232 -14.36 21.07 3.63
CA LEU B 232 -14.13 20.20 4.81
C LEU B 232 -13.30 18.98 4.47
N ALA B 233 -13.60 18.33 3.33
CA ALA B 233 -12.83 17.15 2.84
C ALA B 233 -11.32 17.45 2.77
N LEU B 234 -10.95 18.66 2.34
CA LEU B 234 -9.52 19.01 2.33
C LEU B 234 -8.87 19.19 3.68
N LYS B 235 -9.66 19.37 4.75
CA LYS B 235 -9.10 19.46 6.08
C LYS B 235 -8.74 18.04 6.52
N TYR B 236 -9.33 17.07 5.83
CA TYR B 236 -9.06 15.67 6.13
C TYR B 236 -7.88 15.09 5.37
N ASP B 237 -7.80 15.40 4.08
CA ASP B 237 -6.79 14.83 3.20
C ASP B 237 -6.53 15.78 2.10
N SER B 238 -5.28 15.84 1.63
CA SER B 238 -4.93 16.59 0.38
C SER B 238 -5.53 16.00 -0.93
N ARG B 239 -5.98 14.75 -0.90
CA ARG B 239 -6.61 14.14 -2.07
C ARG B 239 -8.07 13.85 -1.78
N VAL B 240 -8.93 14.39 -2.62
CA VAL B 240 -10.38 14.33 -2.46
C VAL B 240 -11.02 13.75 -3.73
N LEU B 241 -11.96 12.84 -3.55
CA LEU B 241 -12.73 12.24 -4.62
C LEU B 241 -14.09 12.88 -4.69
N ILE B 242 -14.50 13.25 -5.89
CA ILE B 242 -15.90 13.66 -6.10
C ILE B 242 -16.48 12.63 -7.05
N GLU B 243 -17.58 11.98 -6.62
CA GLU B 243 -18.12 10.85 -7.33
C GLU B 243 -19.56 11.11 -7.67
N GLN B 244 -19.97 10.70 -8.86
CA GLN B 244 -21.34 10.74 -9.30
C GLN B 244 -22.28 9.91 -8.38
N GLY B 245 -23.41 10.47 -7.94
CA GLY B 245 -24.46 9.65 -7.30
C GLY B 245 -25.15 8.73 -8.31
N VAL B 246 -25.28 7.47 -8.01
CA VAL B 246 -25.85 6.60 -8.98
C VAL B 246 -27.00 5.89 -8.32
N ASP B 247 -28.12 5.86 -9.02
CA ASP B 247 -29.32 5.14 -8.61
C ASP B 247 -29.49 4.10 -9.72
N ALA B 248 -29.03 2.88 -9.47
CA ALA B 248 -28.95 1.85 -10.51
C ALA B 248 -29.00 0.58 -9.69
N ARG B 249 -29.10 -0.54 -10.39
CA ARG B 249 -29.10 -1.84 -9.74
C ARG B 249 -27.68 -2.16 -9.21
N GLU B 250 -27.62 -2.73 -8.01
CA GLU B 250 -26.36 -3.10 -7.38
C GLU B 250 -26.11 -4.61 -7.40
N ILE B 251 -25.11 -5.05 -8.12
CA ILE B 251 -24.85 -6.46 -8.34
C ILE B 251 -23.37 -6.77 -8.02
N GLU B 252 -23.12 -7.84 -7.26
CA GLU B 252 -21.82 -8.15 -6.62
C GLU B 252 -21.33 -9.53 -7.08
N VAL B 253 -20.01 -9.66 -7.24
CA VAL B 253 -19.33 -10.86 -7.77
C VAL B 253 -18.27 -11.25 -6.74
N GLY B 254 -18.33 -12.50 -6.30
CA GLY B 254 -17.31 -13.05 -5.43
C GLY B 254 -16.12 -13.46 -6.29
N ILE B 255 -14.90 -13.28 -5.77
CA ILE B 255 -13.65 -13.67 -6.45
C ILE B 255 -12.88 -14.46 -5.43
N LEU B 256 -12.22 -15.51 -5.87
CA LEU B 256 -11.47 -16.37 -4.97
C LEU B 256 -10.33 -16.92 -5.76
N GLY B 257 -9.16 -16.95 -5.14
CA GLY B 257 -8.01 -17.57 -5.78
C GLY B 257 -6.79 -16.72 -5.72
N ASN B 258 -5.68 -17.29 -6.16
CA ASN B 258 -4.40 -16.58 -6.16
C ASN B 258 -3.94 -16.33 -7.58
N THR B 259 -3.57 -17.41 -8.27
CA THR B 259 -3.21 -17.33 -9.68
C THR B 259 -4.34 -17.90 -10.50
N ASP B 260 -5.01 -18.94 -10.01
CA ASP B 260 -6.26 -19.37 -10.68
C ASP B 260 -7.50 -18.61 -10.14
N VAL B 261 -7.84 -17.50 -10.80
CA VAL B 261 -8.91 -16.62 -10.35
C VAL B 261 -10.29 -17.24 -10.66
N LYS B 262 -11.09 -17.50 -9.64
CA LYS B 262 -12.47 -17.99 -9.83
C LYS B 262 -13.47 -16.89 -9.44
N THR B 263 -14.59 -16.81 -10.14
CA THR B 263 -15.64 -15.87 -9.77
C THR B 263 -16.98 -16.55 -9.65
N THR B 264 -17.87 -15.90 -8.92
CA THR B 264 -19.19 -16.42 -8.78
C THR B 264 -20.12 -15.83 -9.87
N LEU B 265 -21.27 -16.49 -10.01
CA LEU B 265 -22.40 -15.84 -10.67
C LEU B 265 -22.73 -14.58 -9.87
N PRO B 266 -23.04 -13.47 -10.57
CA PRO B 266 -23.53 -12.26 -9.83
C PRO B 266 -24.72 -12.43 -8.91
N GLY B 267 -24.74 -11.64 -7.84
CA GLY B 267 -25.84 -11.68 -6.89
C GLY B 267 -26.33 -10.26 -6.73
N GLU B 268 -27.62 -10.10 -6.48
CA GLU B 268 -28.18 -8.76 -6.42
C GLU B 268 -28.62 -8.34 -5.04
N ILE B 269 -28.34 -7.08 -4.76
CA ILE B 269 -28.77 -6.32 -3.60
C ILE B 269 -30.06 -5.56 -3.92
N VAL B 270 -31.10 -5.84 -3.14
CA VAL B 270 -32.49 -5.28 -3.28
C VAL B 270 -32.87 -4.99 -4.72
N THR B 288 -33.01 -7.27 0.87
CA THR B 288 -33.05 -8.57 0.14
C THR B 288 -31.93 -8.81 -0.91
N MET B 289 -31.63 -10.09 -1.10
CA MET B 289 -30.58 -10.57 -1.98
C MET B 289 -31.21 -11.54 -2.96
N ALA B 290 -31.08 -11.28 -4.26
CA ALA B 290 -31.34 -12.29 -5.28
C ALA B 290 -30.02 -12.98 -5.68
N ILE B 291 -29.81 -14.25 -5.26
CA ILE B 291 -28.64 -15.02 -5.72
C ILE B 291 -29.06 -16.34 -6.44
N PRO B 292 -28.70 -16.50 -7.75
CA PRO B 292 -28.02 -15.51 -8.57
C PRO B 292 -28.98 -14.39 -8.98
N ALA B 293 -28.40 -13.31 -9.48
CA ALA B 293 -29.14 -12.12 -9.93
C ALA B 293 -29.80 -12.56 -11.22
N GLU B 294 -30.95 -12.00 -11.51
CA GLU B 294 -31.59 -12.32 -12.79
C GLU B 294 -31.18 -11.30 -13.80
N ILE B 295 -30.21 -11.64 -14.64
CA ILE B 295 -29.64 -10.72 -15.64
C ILE B 295 -29.30 -11.53 -16.86
N ASP B 296 -29.24 -10.85 -18.00
CA ASP B 296 -28.83 -11.44 -19.27
C ASP B 296 -27.40 -12.03 -19.19
N PRO B 297 -27.19 -13.22 -19.78
CA PRO B 297 -25.90 -13.87 -19.93
C PRO B 297 -24.71 -12.97 -20.32
N VAL B 298 -24.95 -11.95 -21.15
CA VAL B 298 -23.94 -11.03 -21.62
C VAL B 298 -23.45 -10.14 -20.47
N ILE B 299 -24.36 -9.70 -19.61
CA ILE B 299 -24.03 -8.95 -18.40
C ILE B 299 -23.36 -9.79 -17.33
N VAL B 300 -23.83 -11.02 -17.14
CA VAL B 300 -23.19 -11.95 -16.22
C VAL B 300 -21.71 -12.19 -16.52
N GLU B 301 -21.43 -12.55 -17.79
CA GLU B 301 -20.07 -12.76 -18.27
C GLU B 301 -19.17 -11.50 -18.20
N LYS B 302 -19.73 -10.37 -18.61
CA LYS B 302 -19.08 -9.12 -18.58
C LYS B 302 -18.68 -8.75 -17.14
N MET B 303 -19.62 -8.86 -16.21
CA MET B 303 -19.32 -8.69 -14.80
C MET B 303 -18.26 -9.60 -14.22
N ARG B 304 -18.24 -10.87 -14.62
CA ARG B 304 -17.37 -11.84 -14.06
C ARG B 304 -15.99 -11.59 -14.72
N ASP B 305 -15.97 -11.29 -16.01
CA ASP B 305 -14.72 -10.99 -16.65
C ASP B 305 -14.08 -9.69 -16.05
N TYR B 306 -14.85 -8.60 -15.95
CA TYR B 306 -14.40 -7.35 -15.29
C TYR B 306 -13.89 -7.57 -13.84
N ALA B 307 -14.64 -8.30 -13.04
CA ALA B 307 -14.21 -8.75 -11.73
C ALA B 307 -12.83 -9.48 -11.67
N ALA B 308 -12.65 -10.53 -12.46
CA ALA B 308 -11.39 -11.26 -12.57
C ALA B 308 -10.28 -10.38 -13.14
N THR B 309 -10.56 -9.56 -14.14
CA THR B 309 -9.56 -8.68 -14.70
C THR B 309 -9.12 -7.63 -13.63
N ALA B 310 -10.07 -6.98 -12.98
CA ALA B 310 -9.77 -6.03 -11.90
C ALA B 310 -8.90 -6.67 -10.84
N PHE B 311 -9.21 -7.89 -10.46
CA PHE B 311 -8.44 -8.64 -9.46
C PHE B 311 -7.00 -8.91 -9.90
N ARG B 312 -6.86 -9.44 -11.10
CA ARG B 312 -5.53 -9.66 -11.72
C ARG B 312 -4.70 -8.40 -11.90
N THR B 313 -5.32 -7.31 -12.30
CA THR B 313 -4.56 -6.06 -12.68
C THR B 313 -3.97 -5.46 -11.43
N LEU B 314 -4.74 -5.51 -10.32
CA LEU B 314 -4.29 -4.95 -9.05
C LEU B 314 -3.36 -5.87 -8.27
N GLY B 315 -3.18 -7.12 -8.76
CA GLY B 315 -2.29 -8.06 -8.08
C GLY B 315 -2.91 -8.64 -6.80
N CYS B 316 -4.26 -8.61 -6.74
CA CYS B 316 -4.96 -9.15 -5.62
C CYS B 316 -4.66 -10.64 -5.50
N CYS B 317 -4.75 -11.18 -4.27
CA CYS B 317 -4.66 -12.61 -4.08
C CYS B 317 -5.65 -12.93 -2.99
N GLY B 318 -6.07 -14.19 -2.92
CA GLY B 318 -7.00 -14.56 -1.86
C GLY B 318 -8.45 -14.40 -2.29
N LEU B 319 -9.07 -13.26 -1.99
CA LEU B 319 -10.52 -13.04 -2.17
C LEU B 319 -10.71 -11.56 -2.47
N SER B 320 -11.85 -11.24 -3.08
CA SER B 320 -12.37 -9.90 -3.18
C SER B 320 -13.83 -10.06 -3.54
N ARG B 321 -14.57 -8.97 -3.42
CA ARG B 321 -15.89 -8.87 -3.98
C ARG B 321 -15.90 -7.55 -4.76
N CYS B 322 -16.37 -7.68 -6.00
CA CYS B 322 -16.55 -6.55 -6.91
C CYS B 322 -18.02 -6.17 -6.97
N ASP B 323 -18.26 -4.88 -6.75
CA ASP B 323 -19.61 -4.29 -6.68
C ASP B 323 -19.78 -3.48 -7.91
N PHE B 324 -20.78 -3.85 -8.70
CA PHE B 324 -21.14 -3.20 -9.93
C PHE B 324 -22.46 -2.43 -9.84
N PHE B 325 -22.56 -1.39 -10.65
CA PHE B 325 -23.87 -0.80 -10.96
C PHE B 325 -24.31 -1.29 -12.32
N LEU B 326 -25.59 -1.60 -12.41
CA LEU B 326 -26.21 -1.94 -13.69
C LEU B 326 -27.41 -0.96 -13.93
N THR B 327 -27.29 -0.16 -14.97
CA THR B 327 -28.27 0.87 -15.31
C THR B 327 -29.40 0.30 -16.16
N GLU B 328 -30.49 1.05 -16.23
CA GLU B 328 -31.71 0.71 -16.98
C GLU B 328 -31.49 0.43 -18.47
N ASP B 329 -30.42 0.95 -19.06
CA ASP B 329 -30.09 0.57 -20.44
C ASP B 329 -28.99 -0.49 -20.55
N GLY B 330 -28.76 -1.23 -19.47
CA GLY B 330 -27.82 -2.34 -19.48
C GLY B 330 -26.32 -2.03 -19.47
N LYS B 331 -25.96 -0.85 -18.93
CA LYS B 331 -24.51 -0.45 -18.85
C LYS B 331 -24.01 -0.87 -17.49
N VAL B 332 -22.77 -1.34 -17.49
CA VAL B 332 -22.12 -1.86 -16.28
C VAL B 332 -21.00 -0.91 -15.85
N TYR B 333 -20.96 -0.54 -14.56
CA TYR B 333 -19.86 0.26 -14.04
C TYR B 333 -19.33 -0.42 -12.85
N LEU B 334 -18.00 -0.49 -12.76
CA LEU B 334 -17.39 -0.91 -11.51
C LEU B 334 -17.59 0.20 -10.50
N ASN B 335 -18.23 -0.12 -9.37
CA ASN B 335 -18.27 0.76 -8.20
C ASN B 335 -17.06 0.52 -7.27
N GLU B 336 -16.94 -0.67 -6.68
CA GLU B 336 -15.85 -0.94 -5.75
C GLU B 336 -15.29 -2.30 -5.90
N LEU B 337 -14.03 -2.42 -5.58
CA LEU B 337 -13.43 -3.66 -5.25
C LEU B 337 -13.13 -3.72 -3.78
N ASN B 338 -13.78 -4.64 -3.13
CA ASN B 338 -13.78 -4.82 -1.73
C ASN B 338 -12.93 -5.99 -1.38
N THR B 339 -11.80 -5.78 -0.74
CA THR B 339 -10.84 -6.84 -0.50
C THR B 339 -11.04 -7.67 0.75
N MET B 340 -11.75 -7.17 1.73
CA MET B 340 -12.20 -8.01 2.85
C MET B 340 -13.68 -7.76 3.03
N PRO B 341 -14.49 -8.50 2.27
CA PRO B 341 -15.92 -8.19 2.33
C PRO B 341 -16.51 -8.75 3.61
N GLY B 342 -17.66 -8.26 4.02
CA GLY B 342 -18.38 -8.81 5.14
C GLY B 342 -18.59 -10.31 5.01
N PHE B 343 -18.52 -11.00 6.16
CA PHE B 343 -18.98 -12.41 6.32
C PHE B 343 -20.21 -12.58 7.25
N THR B 344 -21.10 -11.58 7.34
CA THR B 344 -22.23 -11.59 8.30
C THR B 344 -23.39 -12.48 7.85
N SER B 347 -24.57 -12.02 4.62
CA SER B 347 -23.99 -11.03 3.68
C SER B 347 -23.46 -11.74 2.48
N MET B 348 -23.29 -11.01 1.39
CA MET B 348 -23.18 -11.62 0.08
C MET B 348 -22.02 -12.57 -0.19
N TYR B 349 -20.85 -12.29 0.31
CA TYR B 349 -19.69 -13.01 -0.20
C TYR B 349 -19.78 -14.52 -0.01
N PRO B 350 -20.03 -14.99 1.22
CA PRO B 350 -20.17 -16.46 1.44
C PRO B 350 -21.38 -17.06 0.74
N LEU B 351 -22.43 -16.28 0.59
CA LEU B 351 -23.63 -16.78 -0.04
C LEU B 351 -23.47 -16.89 -1.54
N LEU B 352 -22.70 -15.97 -2.12
CA LEU B 352 -22.37 -16.05 -3.53
C LEU B 352 -21.62 -17.33 -3.86
N TRP B 353 -20.70 -17.76 -3.00
CA TRP B 353 -19.93 -18.95 -3.20
C TRP B 353 -20.75 -20.20 -2.89
N GLU B 354 -21.71 -20.04 -1.98
CA GLU B 354 -22.60 -21.15 -1.55
C GLU B 354 -23.47 -21.54 -2.73
N ASN B 355 -23.96 -20.55 -3.48
CA ASN B 355 -24.72 -20.79 -4.66
C ASN B 355 -23.89 -21.48 -5.73
N MET B 356 -22.57 -21.26 -5.72
CA MET B 356 -21.70 -22.02 -6.68
C MET B 356 -21.39 -23.45 -6.22
N GLY B 357 -22.03 -23.91 -5.16
CA GLY B 357 -21.68 -25.22 -4.62
C GLY B 357 -20.50 -25.20 -3.64
N LEU B 358 -19.95 -24.02 -3.27
CA LEU B 358 -18.84 -23.98 -2.31
C LEU B 358 -19.33 -23.61 -0.94
N SER B 359 -19.25 -24.56 0.01
CA SER B 359 -19.83 -24.34 1.33
C SER B 359 -18.91 -23.38 2.09
N TYR B 360 -19.48 -22.70 3.07
CA TYR B 360 -18.79 -21.69 3.85
C TYR B 360 -17.52 -22.25 4.55
N SER B 361 -17.65 -23.43 5.17
CA SER B 361 -16.55 -24.09 5.82
C SER B 361 -15.40 -24.43 4.87
N VAL B 362 -15.70 -24.91 3.68
CA VAL B 362 -14.71 -25.21 2.69
C VAL B 362 -14.17 -23.92 2.03
N LEU B 363 -15.03 -22.89 1.88
CA LEU B 363 -14.56 -21.56 1.48
C LEU B 363 -13.42 -21.09 2.38
N ILE B 364 -13.60 -21.23 3.68
CA ILE B 364 -12.60 -20.83 4.63
C ILE B 364 -11.32 -21.62 4.49
N GLU B 365 -11.43 -22.96 4.36
CA GLU B 365 -10.24 -23.80 4.12
C GLU B 365 -9.48 -23.40 2.87
N GLU B 366 -10.21 -23.09 1.80
CA GLU B 366 -9.55 -22.60 0.61
C GLU B 366 -8.78 -21.26 0.86
N LEU B 367 -9.40 -20.36 1.66
CA LEU B 367 -8.75 -19.07 1.96
C LEU B 367 -7.43 -19.29 2.69
N VAL B 368 -7.43 -20.29 3.58
CA VAL B 368 -6.30 -20.55 4.42
C VAL B 368 -5.21 -21.13 3.53
N SER B 369 -5.60 -21.98 2.60
CA SER B 369 -4.63 -22.66 1.84
C SER B 369 -3.98 -21.66 0.86
N LEU B 370 -4.79 -20.74 0.33
CA LEU B 370 -4.29 -19.62 -0.46
C LEU B 370 -3.36 -18.72 0.36
N ALA B 371 -3.67 -18.53 1.66
CA ALA B 371 -2.79 -17.75 2.51
C ALA B 371 -1.41 -18.37 2.67
N LYS B 372 -1.36 -19.66 2.93
CA LYS B 372 -0.07 -20.40 3.10
C LYS B 372 0.75 -20.36 1.83
N GLU B 373 0.07 -20.60 0.71
CA GLU B 373 0.64 -20.43 -0.60
C GLU B 373 1.21 -19.03 -0.93
N MET B 374 0.53 -17.92 -0.63
CA MET B 374 1.17 -16.61 -0.83
C MET B 374 2.33 -16.37 0.09
N PHE B 375 2.22 -16.88 1.32
CA PHE B 375 3.32 -16.77 2.31
C PHE B 375 4.59 -17.48 1.74
N ASP B 376 4.43 -18.68 1.19
CA ASP B 376 5.56 -19.37 0.64
C ASP B 376 6.22 -18.63 -0.52
N LYS B 377 5.42 -18.06 -1.43
CA LYS B 377 5.95 -17.22 -2.50
C LYS B 377 6.67 -16.00 -1.95
N ARG B 378 6.11 -15.35 -0.93
CA ARG B 378 6.75 -14.16 -0.34
C ARG B 378 8.09 -14.48 0.35
N GLU B 379 8.12 -15.55 1.14
CA GLU B 379 9.30 -15.88 1.96
C GLU B 379 10.48 -16.46 1.17
N SER B 380 10.22 -16.83 -0.07
CA SER B 380 11.20 -17.45 -0.96
C SER B 380 11.85 -16.34 -1.83
#